data_2XIK
#
_entry.id   2XIK
#
_cell.length_a   57.080
_cell.length_b   48.560
_cell.length_c   67.570
_cell.angle_alpha   90.00
_cell.angle_beta   113.78
_cell.angle_gamma   90.00
#
_symmetry.space_group_name_H-M   'P 1 21 1'
#
loop_
_entity.id
_entity.type
_entity.pdbx_description
1 polymer 'SERINE/THREONINE PROTEIN KINASE 25'
2 non-polymer 1,2-ETHANEDIOL
3 non-polymer 5-[(E)-(5-CHLORO-2-OXO-1,2-DIHYDRO-3H-INDOL-3-YLIDENE)METHYL]-N-[2-(DIETHYLAMINO)ETHYL]-2,4-DIMETHYL-1H-PYRROLE-3-CARBOXAMIDE
4 water water
#
_entity_poly.entity_id   1
_entity_poly.type   'polypeptide(L)'
_entity_poly.pdbx_seq_one_letter_code
;SMAHLRGFANQHSRVDPEELFTKLDRIGKGSFGEVYKGIDNHTKEVVAIKIIDLEEAEDEIEDIQQEITVLSQCDSPYIT
RYFGSYLKSTKLWIIMEYLGGGSALDLLKPGPLEETYIATILREILKGLDYLHSERKIHRDIKAANVLLSEQGDVKLADF
GVAGQLTDTQIKRN(TPO)FVGTPFWMAPEVIKQSAYDFKADIWSLGITAIELAKGEPPNSDLHPMRVLFLIPKNSPPTL
EGQHSKPFKEFVEACLNKDPRFRPTAKELLKHKFITRYTKKTSFLTELIDRYKRWKSE
;
_entity_poly.pdbx_strand_id   A
#
# COMPACT_ATOMS: atom_id res chain seq x y z
N HIS A 4 6.94 -28.45 9.32
CA HIS A 4 7.12 -29.44 8.26
C HIS A 4 6.77 -28.89 6.86
N LEU A 5 6.10 -27.71 6.81
CA LEU A 5 5.68 -27.01 5.58
C LEU A 5 4.96 -27.91 4.52
N ARG A 6 4.11 -28.86 4.98
CA ARG A 6 3.38 -29.77 4.11
C ARG A 6 2.39 -29.00 3.22
N GLY A 7 2.45 -29.28 1.91
CA GLY A 7 1.59 -28.63 0.92
C GLY A 7 2.09 -27.30 0.40
N PHE A 8 3.12 -26.71 1.08
CA PHE A 8 3.71 -25.41 0.72
C PHE A 8 4.35 -25.37 -0.66
N ALA A 9 5.27 -26.30 -0.94
CA ALA A 9 5.98 -26.39 -2.21
C ALA A 9 5.05 -26.69 -3.40
N ASN A 10 3.96 -27.47 -3.16
CA ASN A 10 2.96 -27.89 -4.16
C ASN A 10 2.35 -26.70 -4.92
N GLN A 11 2.18 -25.55 -4.23
CA GLN A 11 1.57 -24.32 -4.75
C GLN A 11 2.47 -23.53 -5.70
N HIS A 12 3.80 -23.77 -5.65
CA HIS A 12 4.77 -23.04 -6.45
C HIS A 12 5.37 -23.90 -7.55
N SER A 13 5.86 -23.25 -8.63
CA SER A 13 6.53 -23.94 -9.73
C SER A 13 7.95 -24.29 -9.25
N ARG A 14 8.34 -25.58 -9.31
CA ARG A 14 9.66 -26.02 -8.86
C ARG A 14 10.79 -25.78 -9.88
N VAL A 15 10.43 -25.20 -11.06
CA VAL A 15 11.37 -24.82 -12.13
C VAL A 15 12.28 -23.71 -11.57
N ASP A 16 13.59 -23.78 -11.89
CA ASP A 16 14.61 -22.80 -11.46
C ASP A 16 14.30 -21.43 -12.12
N PRO A 17 13.95 -20.40 -11.30
CA PRO A 17 13.59 -19.09 -11.88
C PRO A 17 14.68 -18.33 -12.65
N GLU A 18 15.96 -18.72 -12.50
CA GLU A 18 17.08 -18.08 -13.22
C GLU A 18 17.12 -18.42 -14.73
N GLU A 19 16.46 -19.53 -15.13
CA GLU A 19 16.35 -19.99 -16.52
C GLU A 19 15.21 -19.28 -17.26
N LEU A 20 14.04 -19.09 -16.58
CA LEU A 20 12.86 -18.43 -17.14
C LEU A 20 12.92 -16.91 -17.05
N PHE A 21 13.58 -16.38 -16.01
CA PHE A 21 13.70 -14.94 -15.77
C PHE A 21 15.13 -14.46 -15.70
N THR A 22 15.36 -13.25 -16.24
CA THR A 22 16.64 -12.53 -16.22
C THR A 22 16.50 -11.51 -15.10
N LYS A 23 17.25 -11.70 -14.00
CA LYS A 23 17.23 -10.80 -12.84
C LYS A 23 18.10 -9.57 -13.15
N LEU A 24 17.58 -8.36 -12.87
CA LEU A 24 18.31 -7.12 -13.13
C LEU A 24 18.57 -6.30 -11.83
N ASP A 25 18.57 -4.96 -11.92
CA ASP A 25 18.82 -4.07 -10.79
C ASP A 25 17.70 -4.09 -9.74
N ARG A 26 18.08 -3.87 -8.46
CA ARG A 26 17.15 -3.77 -7.33
C ARG A 26 16.37 -2.44 -7.48
N ILE A 27 15.05 -2.47 -7.29
CA ILE A 27 14.23 -1.25 -7.43
C ILE A 27 13.65 -0.73 -6.10
N GLY A 28 13.65 -1.58 -5.07
CA GLY A 28 13.16 -1.27 -3.74
C GLY A 28 13.08 -2.50 -2.86
N LYS A 29 12.31 -2.40 -1.77
CA LYS A 29 12.11 -3.52 -0.84
C LYS A 29 10.64 -3.79 -0.54
N GLY A 30 10.37 -5.04 -0.13
CA GLY A 30 9.07 -5.52 0.28
C GLY A 30 9.10 -5.98 1.72
N SER A 31 7.95 -6.40 2.25
CA SER A 31 7.75 -6.86 3.63
C SER A 31 8.66 -8.01 4.10
N PHE A 32 9.04 -8.92 3.17
CA PHE A 32 9.88 -10.10 3.48
C PHE A 32 11.13 -10.24 2.63
N GLY A 33 11.30 -9.37 1.64
CA GLY A 33 12.45 -9.44 0.75
C GLY A 33 12.72 -8.18 -0.05
N GLU A 34 13.64 -8.30 -1.00
CA GLU A 34 14.05 -7.23 -1.89
C GLU A 34 13.35 -7.35 -3.24
N VAL A 35 12.93 -6.20 -3.80
CA VAL A 35 12.24 -6.15 -5.10
C VAL A 35 13.26 -5.78 -6.18
N TYR A 36 13.27 -6.56 -7.27
CA TYR A 36 14.20 -6.41 -8.39
C TYR A 36 13.44 -6.20 -9.67
N LYS A 37 14.12 -5.62 -10.67
CA LYS A 37 13.55 -5.47 -12.01
C LYS A 37 13.91 -6.75 -12.73
N GLY A 38 13.00 -7.23 -13.55
CA GLY A 38 13.24 -8.45 -14.31
C GLY A 38 12.60 -8.44 -15.67
N ILE A 39 12.99 -9.42 -16.50
CA ILE A 39 12.45 -9.64 -17.84
C ILE A 39 12.12 -11.12 -18.04
N ASP A 40 10.85 -11.41 -18.34
CA ASP A 40 10.35 -12.76 -18.59
C ASP A 40 10.95 -13.18 -19.95
N ASN A 41 12.02 -14.03 -19.93
CA ASN A 41 12.75 -14.49 -21.12
C ASN A 41 11.90 -14.87 -22.33
N HIS A 42 10.72 -15.47 -22.09
CA HIS A 42 9.79 -15.87 -23.16
C HIS A 42 9.13 -14.67 -23.84
N THR A 43 8.37 -13.85 -23.06
CA THR A 43 7.64 -12.67 -23.56
C THR A 43 8.49 -11.41 -23.71
N LYS A 44 9.67 -11.37 -23.05
CA LYS A 44 10.62 -10.24 -22.97
C LYS A 44 10.11 -9.09 -22.07
N GLU A 45 8.80 -9.14 -21.69
CA GLU A 45 8.09 -8.15 -20.89
C GLU A 45 8.71 -7.91 -19.53
N VAL A 46 8.72 -6.63 -19.11
CA VAL A 46 9.28 -6.15 -17.85
C VAL A 46 8.40 -6.55 -16.66
N VAL A 47 9.03 -7.08 -15.60
CA VAL A 47 8.36 -7.56 -14.38
C VAL A 47 9.13 -7.12 -13.14
N ALA A 48 8.48 -7.16 -11.97
CA ALA A 48 9.11 -6.87 -10.69
C ALA A 48 9.20 -8.21 -9.95
N ILE A 49 10.41 -8.56 -9.49
CA ILE A 49 10.65 -9.84 -8.82
C ILE A 49 11.01 -9.61 -7.36
N LYS A 50 10.26 -10.24 -6.47
CA LYS A 50 10.49 -10.17 -5.03
C LYS A 50 11.12 -11.50 -4.60
N ILE A 51 12.36 -11.45 -4.08
CA ILE A 51 13.10 -12.63 -3.61
C ILE A 51 13.04 -12.67 -2.07
N ILE A 52 12.45 -13.76 -1.57
CA ILE A 52 12.23 -14.02 -0.16
C ILE A 52 13.09 -15.20 0.28
N ASP A 53 13.91 -14.99 1.33
CA ASP A 53 14.72 -16.05 1.92
C ASP A 53 13.82 -16.65 3.00
N LEU A 54 13.36 -17.88 2.76
CA LEU A 54 12.45 -18.58 3.69
C LEU A 54 13.12 -18.99 5.00
N GLU A 55 14.45 -19.22 4.98
CA GLU A 55 15.23 -19.56 6.18
C GLU A 55 15.32 -18.32 7.10
N GLU A 56 15.48 -17.11 6.51
CA GLU A 56 15.53 -15.83 7.21
C GLU A 56 14.15 -15.44 7.74
N ALA A 57 13.12 -15.51 6.87
CA ALA A 57 11.72 -15.18 7.20
C ALA A 57 10.89 -16.42 7.62
N GLU A 58 11.51 -17.32 8.41
CA GLU A 58 10.94 -18.58 8.92
C GLU A 58 9.75 -18.35 9.85
N GLU A 60 7.49 -15.94 10.18
CA GLU A 60 6.84 -15.04 9.23
C GLU A 60 6.25 -15.76 8.00
N ILE A 61 6.46 -17.09 7.90
CA ILE A 61 6.00 -17.96 6.81
C ILE A 61 4.47 -17.94 6.56
N GLU A 62 3.66 -17.77 7.63
CA GLU A 62 2.19 -17.70 7.54
C GLU A 62 1.78 -16.44 6.79
N ASP A 63 2.51 -15.33 7.02
CA ASP A 63 2.30 -14.02 6.38
C ASP A 63 2.75 -14.01 4.92
N ILE A 64 3.85 -14.76 4.59
CA ILE A 64 4.36 -14.90 3.21
C ILE A 64 3.26 -15.61 2.41
N GLN A 65 2.73 -16.72 2.98
CA GLN A 65 1.64 -17.52 2.45
C GLN A 65 0.40 -16.64 2.25
N GLN A 66 0.09 -15.77 3.23
CA GLN A 66 -1.04 -14.84 3.16
C GLN A 66 -0.90 -13.90 1.94
N GLU A 67 0.29 -13.28 1.73
CA GLU A 67 0.56 -12.37 0.59
C GLU A 67 0.38 -13.07 -0.76
N ILE A 68 0.86 -14.33 -0.89
CA ILE A 68 0.73 -15.12 -2.12
C ILE A 68 -0.75 -15.27 -2.46
N THR A 69 -1.54 -15.79 -1.49
CA THR A 69 -2.99 -16.02 -1.55
C THR A 69 -3.74 -14.74 -1.94
N VAL A 70 -3.53 -13.66 -1.17
CA VAL A 70 -4.17 -12.36 -1.39
C VAL A 70 -3.94 -11.84 -2.82
N LEU A 71 -2.68 -11.78 -3.27
CA LEU A 71 -2.32 -11.30 -4.60
C LEU A 71 -2.97 -12.12 -5.73
N SER A 72 -3.07 -13.46 -5.56
CA SER A 72 -3.68 -14.33 -6.57
C SER A 72 -5.21 -14.25 -6.57
N GLN A 73 -5.81 -13.75 -5.47
CA GLN A 73 -7.27 -13.58 -5.38
C GLN A 73 -7.73 -12.19 -5.90
N CYS A 74 -6.79 -11.24 -6.05
CA CYS A 74 -7.11 -9.89 -6.54
C CYS A 74 -7.04 -9.86 -8.07
N ASP A 75 -8.01 -9.18 -8.70
CA ASP A 75 -8.09 -8.99 -10.14
C ASP A 75 -8.69 -7.59 -10.35
N SER A 76 -7.82 -6.59 -10.31
CA SER A 76 -8.22 -5.21 -10.40
C SER A 76 -7.12 -4.37 -11.04
N PRO A 77 -7.48 -3.33 -11.82
CA PRO A 77 -6.43 -2.45 -12.38
C PRO A 77 -5.83 -1.53 -11.31
N TYR A 78 -6.37 -1.58 -10.08
CA TYR A 78 -5.91 -0.75 -8.95
C TYR A 78 -5.02 -1.51 -7.95
N ILE A 79 -4.77 -2.79 -8.21
CA ILE A 79 -3.98 -3.67 -7.35
C ILE A 79 -2.87 -4.25 -8.23
N THR A 80 -1.60 -4.18 -7.77
CA THR A 80 -0.41 -4.73 -8.45
C THR A 80 -0.72 -6.16 -8.93
N ARG A 81 -0.52 -6.47 -10.23
CA ARG A 81 -0.83 -7.82 -10.72
C ARG A 81 0.24 -8.83 -10.35
N TYR A 82 -0.17 -10.08 -10.11
CA TYR A 82 0.66 -11.23 -9.71
C TYR A 82 0.77 -12.23 -10.87
N PHE A 83 2.01 -12.69 -11.17
CA PHE A 83 2.24 -13.65 -12.27
C PHE A 83 2.77 -15.03 -11.86
N GLY A 84 2.67 -15.36 -10.57
CA GLY A 84 3.11 -16.65 -10.05
C GLY A 84 4.29 -16.56 -9.11
N SER A 85 4.75 -17.74 -8.65
CA SER A 85 5.85 -17.86 -7.71
C SER A 85 6.67 -19.13 -7.98
N TYR A 86 8.00 -18.97 -7.91
CA TYR A 86 8.99 -20.00 -8.21
C TYR A 86 9.88 -20.21 -7.02
N LEU A 87 10.03 -21.48 -6.65
CA LEU A 87 10.85 -21.91 -5.54
C LEU A 87 12.20 -22.45 -6.06
N LYS A 88 13.28 -22.04 -5.38
CA LYS A 88 14.66 -22.45 -5.65
C LYS A 88 15.31 -22.58 -4.27
N SER A 89 15.29 -23.82 -3.73
CA SER A 89 15.74 -24.19 -2.39
C SER A 89 15.02 -23.31 -1.34
N THR A 90 15.75 -22.63 -0.45
CA THR A 90 15.18 -21.74 0.58
C THR A 90 14.75 -20.36 0.02
N LYS A 91 14.93 -20.13 -1.31
CA LYS A 91 14.54 -18.87 -1.92
C LYS A 91 13.24 -19.00 -2.69
N LEU A 92 12.34 -18.02 -2.49
CA LEU A 92 11.05 -17.94 -3.16
C LEU A 92 11.02 -16.68 -4.03
N TRP A 93 10.82 -16.88 -5.34
CA TRP A 93 10.72 -15.79 -6.31
C TRP A 93 9.23 -15.53 -6.57
N ILE A 94 8.77 -14.31 -6.26
CA ILE A 94 7.39 -13.88 -6.50
C ILE A 94 7.45 -12.88 -7.65
N ILE A 95 6.85 -13.24 -8.79
CA ILE A 95 6.87 -12.38 -9.96
C ILE A 95 5.59 -11.55 -10.03
N MET A 96 5.76 -10.23 -10.07
CA MET A 96 4.67 -9.24 -10.08
C MET A 96 4.77 -8.19 -11.21
N GLU A 97 3.75 -7.32 -11.34
CA GLU A 97 3.61 -6.26 -12.32
C GLU A 97 4.72 -5.19 -12.14
N TYR A 98 5.24 -4.65 -13.26
CA TYR A 98 6.27 -3.61 -13.21
C TYR A 98 5.66 -2.22 -13.29
N LEU A 99 5.99 -1.36 -12.31
CA LEU A 99 5.48 0.01 -12.22
C LEU A 99 6.66 0.96 -12.11
N GLY A 100 7.04 1.51 -13.26
CA GLY A 100 8.20 2.36 -13.48
C GLY A 100 8.21 3.75 -12.90
N GLY A 101 7.07 4.18 -12.37
CA GLY A 101 6.99 5.50 -11.76
C GLY A 101 7.41 5.49 -10.30
N GLY A 102 7.60 4.31 -9.72
CA GLY A 102 7.99 4.18 -8.32
C GLY A 102 6.82 4.39 -7.37
N SER A 103 7.10 4.82 -6.14
CA SER A 103 6.08 5.03 -5.10
C SER A 103 5.68 6.50 -4.93
N ALA A 104 4.55 6.75 -4.25
CA ALA A 104 4.13 8.12 -3.92
C ALA A 104 5.18 8.77 -3.00
N LEU A 105 5.86 7.95 -2.14
CA LEU A 105 6.91 8.45 -1.26
C LEU A 105 8.10 8.90 -2.12
N ASP A 106 8.55 8.07 -3.09
CA ASP A 106 9.62 8.44 -4.05
C ASP A 106 9.28 9.77 -4.72
N LEU A 107 8.03 9.94 -5.15
CA LEU A 107 7.57 11.15 -5.83
C LEU A 107 7.55 12.45 -5.01
N LEU A 108 7.58 12.36 -3.65
CA LEU A 108 7.67 13.50 -2.70
C LEU A 108 9.14 13.95 -2.52
N LYS A 109 10.10 13.09 -2.90
CA LYS A 109 11.54 13.38 -2.76
C LYS A 109 12.00 14.68 -3.43
N PRO A 110 11.58 15.04 -4.68
CA PRO A 110 12.05 16.31 -5.26
C PRO A 110 11.41 17.57 -4.68
N GLY A 111 10.33 17.43 -3.90
CA GLY A 111 9.65 18.59 -3.31
C GLY A 111 8.17 18.37 -3.02
N PRO A 112 7.45 19.41 -2.52
CA PRO A 112 6.03 19.21 -2.15
C PRO A 112 5.09 19.03 -3.32
N LEU A 113 3.94 18.39 -3.08
CA LEU A 113 2.92 18.15 -4.09
C LEU A 113 1.84 19.23 -4.05
N GLU A 114 1.47 19.77 -5.22
CA GLU A 114 0.35 20.70 -5.34
C GLU A 114 -0.94 19.91 -5.03
N GLU A 115 -1.97 20.59 -4.51
CA GLU A 115 -3.25 19.96 -4.12
C GLU A 115 -3.92 19.13 -5.21
N THR A 116 -3.81 19.57 -6.49
CA THR A 116 -4.35 18.87 -7.67
C THR A 116 -3.80 17.42 -7.74
N TYR A 117 -2.47 17.25 -7.54
CA TYR A 117 -1.82 15.95 -7.53
C TYR A 117 -2.30 15.10 -6.37
N ILE A 118 -2.35 15.68 -5.16
CA ILE A 118 -2.80 14.97 -3.94
C ILE A 118 -4.19 14.39 -4.11
N ALA A 119 -5.15 15.22 -4.59
CA ALA A 119 -6.54 14.80 -4.81
C ALA A 119 -6.64 13.69 -5.86
N THR A 120 -5.80 13.74 -6.92
CA THR A 120 -5.82 12.72 -7.97
C THR A 120 -5.30 11.37 -7.41
N ILE A 121 -4.22 11.43 -6.59
CA ILE A 121 -3.59 10.25 -5.99
C ILE A 121 -4.57 9.62 -4.99
N LEU A 122 -5.17 10.43 -4.11
CA LEU A 122 -6.14 9.93 -3.11
C LEU A 122 -7.36 9.30 -3.76
N ARG A 123 -7.83 9.87 -4.91
CA ARG A 123 -8.98 9.34 -5.65
C ARG A 123 -8.67 7.90 -6.14
N GLU A 124 -7.46 7.69 -6.71
CA GLU A 124 -7.03 6.39 -7.24
C GLU A 124 -6.75 5.38 -6.12
N ILE A 125 -6.19 5.83 -4.96
CA ILE A 125 -6.03 4.97 -3.78
C ILE A 125 -7.42 4.47 -3.31
N LEU A 126 -8.40 5.38 -3.25
CA LEU A 126 -9.77 5.05 -2.87
C LEU A 126 -10.38 4.03 -3.80
N LYS A 127 -10.07 4.08 -5.12
CA LYS A 127 -10.60 3.05 -6.05
C LYS A 127 -10.04 1.68 -5.71
N GLY A 128 -8.77 1.65 -5.31
CA GLY A 128 -8.09 0.43 -4.87
C GLY A 128 -8.68 -0.09 -3.56
N LEU A 129 -8.92 0.83 -2.59
CA LEU A 129 -9.54 0.46 -1.30
C LEU A 129 -10.96 -0.05 -1.47
N ASP A 130 -11.75 0.61 -2.34
CA ASP A 130 -13.12 0.19 -2.66
C ASP A 130 -13.12 -1.23 -3.20
N TYR A 131 -12.16 -1.59 -4.09
CA TYR A 131 -12.07 -2.96 -4.60
C TYR A 131 -11.74 -3.93 -3.47
N LEU A 132 -10.66 -3.68 -2.70
CA LEU A 132 -10.27 -4.59 -1.62
C LEU A 132 -11.39 -4.82 -0.62
N HIS A 133 -12.00 -3.73 -0.13
CA HIS A 133 -13.08 -3.77 0.85
C HIS A 133 -14.32 -4.55 0.38
N SER A 134 -14.68 -4.45 -0.91
CA SER A 134 -15.78 -5.21 -1.53
C SER A 134 -15.46 -6.73 -1.60
N GLU A 135 -14.16 -7.09 -1.64
CA GLU A 135 -13.64 -8.47 -1.63
C GLU A 135 -13.38 -8.99 -0.19
N ARG A 136 -13.77 -8.17 0.81
CA ARG A 136 -13.62 -8.46 2.24
C ARG A 136 -12.18 -8.54 2.73
N LYS A 137 -11.28 -7.85 1.98
CA LYS A 137 -9.85 -7.74 2.27
C LYS A 137 -9.53 -6.40 2.90
N ILE A 138 -8.58 -6.39 3.84
CA ILE A 138 -8.06 -5.19 4.51
C ILE A 138 -6.56 -5.17 4.19
N HIS A 139 -6.04 -4.04 3.69
CA HIS A 139 -4.62 -3.92 3.35
C HIS A 139 -3.75 -3.93 4.60
N ARG A 140 -4.08 -3.07 5.59
CA ARG A 140 -3.40 -2.90 6.89
C ARG A 140 -2.05 -2.23 6.90
N ASP A 141 -1.55 -1.81 5.74
CA ASP A 141 -0.28 -1.08 5.70
C ASP A 141 -0.33 0.03 4.63
N ILE A 142 -1.44 0.77 4.63
CA ILE A 142 -1.63 1.88 3.70
C ILE A 142 -0.74 3.05 4.15
N LYS A 143 0.17 3.47 3.26
CA LYS A 143 1.15 4.55 3.42
C LYS A 143 1.68 4.88 2.02
N ALA A 144 2.28 6.07 1.85
CA ALA A 144 2.79 6.53 0.54
C ALA A 144 3.78 5.56 -0.13
N ALA A 145 4.63 4.88 0.68
CA ALA A 145 5.59 3.89 0.21
C ALA A 145 4.92 2.68 -0.49
N ASN A 146 3.65 2.37 -0.13
CA ASN A 146 2.88 1.25 -0.68
C ASN A 146 1.91 1.63 -1.80
N VAL A 147 1.99 2.88 -2.24
CA VAL A 147 1.17 3.37 -3.35
C VAL A 147 2.14 3.53 -4.52
N LEU A 148 1.96 2.73 -5.59
CA LEU A 148 2.86 2.73 -6.74
C LEU A 148 2.23 3.27 -8.00
N LEU A 149 3.08 3.84 -8.88
CA LEU A 149 2.60 4.42 -10.13
C LEU A 149 3.27 3.81 -11.35
N SER A 150 2.50 3.62 -12.43
CA SER A 150 3.04 3.15 -13.69
C SER A 150 3.67 4.38 -14.35
N GLU A 151 4.43 4.20 -15.46
CA GLU A 151 4.98 5.35 -16.17
C GLU A 151 3.89 6.20 -16.89
N GLN A 152 2.63 5.72 -16.89
CA GLN A 152 1.48 6.40 -17.50
C GLN A 152 0.57 7.08 -16.45
N GLY A 153 0.99 7.04 -15.18
CA GLY A 153 0.27 7.67 -14.08
C GLY A 153 -0.76 6.81 -13.37
N ASP A 154 -0.90 5.51 -13.77
CA ASP A 154 -1.82 4.58 -13.10
C ASP A 154 -1.36 4.37 -11.66
N VAL A 155 -2.28 4.47 -10.71
CA VAL A 155 -1.95 4.35 -9.30
C VAL A 155 -2.47 3.00 -8.82
N LYS A 156 -1.58 2.22 -8.18
CA LYS A 156 -1.93 0.90 -7.67
C LYS A 156 -1.43 0.69 -6.26
N LEU A 157 -2.20 -0.10 -5.46
CA LEU A 157 -1.82 -0.51 -4.09
C LEU A 157 -0.90 -1.72 -4.20
N ALA A 158 0.17 -1.72 -3.41
CA ALA A 158 1.18 -2.79 -3.34
C ALA A 158 1.37 -3.24 -1.89
N ASP A 159 2.10 -4.38 -1.72
CA ASP A 159 2.54 -4.96 -0.44
C ASP A 159 1.40 -5.45 0.43
N PHE A 160 1.04 -6.72 0.23
CA PHE A 160 -0.04 -7.42 0.92
C PHE A 160 0.50 -8.36 2.01
N GLY A 161 1.73 -8.08 2.42
CA GLY A 161 2.48 -8.80 3.45
C GLY A 161 1.80 -8.92 4.80
N VAL A 162 0.95 -7.95 5.17
CA VAL A 162 0.22 -7.97 6.44
C VAL A 162 -1.31 -7.88 6.23
N ALA A 163 -1.79 -8.04 4.96
CA ALA A 163 -3.21 -7.96 4.59
C ALA A 163 -4.07 -8.99 5.33
N GLY A 164 -5.31 -8.58 5.64
CA GLY A 164 -6.26 -9.40 6.39
C GLY A 164 -7.47 -9.78 5.54
N GLN A 165 -8.04 -10.97 5.82
CA GLN A 165 -9.23 -11.49 5.14
C GLN A 165 -10.36 -11.68 6.14
N LEU A 166 -11.50 -10.97 5.93
CA LEU A 166 -12.72 -11.08 6.75
C LEU A 166 -13.66 -12.06 6.09
N THR A 167 -14.40 -12.82 6.92
CA THR A 167 -15.36 -13.84 6.49
C THR A 167 -16.60 -13.79 7.40
N ASP A 168 -17.58 -14.70 7.16
CA ASP A 168 -18.78 -14.82 8.01
C ASP A 168 -18.39 -15.53 9.33
N THR A 169 -17.23 -16.26 9.32
CA THR A 169 -16.58 -16.93 10.45
C THR A 169 -15.87 -15.86 11.30
N GLN A 170 -15.04 -15.01 10.65
CA GLN A 170 -14.27 -13.93 11.27
C GLN A 170 -14.71 -12.58 10.73
N ILE A 171 -15.73 -11.98 11.37
CA ILE A 171 -16.31 -10.69 11.00
C ILE A 171 -15.30 -9.56 11.18
N LYS A 172 -14.46 -9.66 12.21
CA LYS A 172 -13.45 -8.66 12.56
C LYS A 172 -12.06 -9.30 12.76
N ARG A 173 -10.99 -8.48 12.72
CA ARG A 173 -9.61 -8.90 13.01
C ARG A 173 -9.20 -8.29 14.36
N ASN A 174 -8.13 -8.83 14.96
CA ASN A 174 -7.59 -8.30 16.21
C ASN A 174 -6.06 -8.22 16.14
N PHE A 176 -2.23 -7.23 15.80
CA PHE A 176 -1.44 -6.01 15.91
C PHE A 176 -0.47 -6.04 14.71
N VAL A 177 -0.71 -5.22 13.67
CA VAL A 177 0.13 -5.16 12.45
C VAL A 177 0.06 -3.73 11.84
N GLY A 178 1.05 -3.41 11.02
CA GLY A 178 1.17 -2.12 10.33
C GLY A 178 2.45 -1.39 10.68
N THR A 179 2.53 -0.11 10.30
CA THR A 179 3.68 0.77 10.58
C THR A 179 3.20 1.79 11.61
N PRO A 180 3.87 1.90 12.79
CA PRO A 180 3.36 2.75 13.88
C PRO A 180 2.64 4.07 13.57
N PHE A 181 3.26 4.97 12.75
CA PHE A 181 2.68 6.27 12.46
C PHE A 181 1.33 6.24 11.75
N TRP A 182 1.07 5.18 10.96
CA TRP A 182 -0.14 5.03 10.15
C TRP A 182 -1.21 4.11 10.77
N MET A 183 -0.90 3.46 11.90
CA MET A 183 -1.82 2.52 12.58
C MET A 183 -3.02 3.17 13.27
N ALA A 184 -4.22 2.61 12.99
CA ALA A 184 -5.50 3.03 13.57
C ALA A 184 -5.48 2.73 15.08
N PRO A 185 -6.11 3.58 15.93
CA PRO A 185 -6.12 3.30 17.37
C PRO A 185 -6.68 1.93 17.78
N GLU A 186 -7.75 1.42 17.13
CA GLU A 186 -8.30 0.09 17.48
C GLU A 186 -7.34 -1.05 17.11
N VAL A 187 -6.45 -0.85 16.12
CA VAL A 187 -5.46 -1.85 15.72
C VAL A 187 -4.41 -1.95 16.84
N ILE A 188 -3.90 -0.78 17.29
CA ILE A 188 -2.91 -0.69 18.36
C ILE A 188 -3.41 -1.35 19.66
N LYS A 189 -4.66 -1.07 20.06
CA LYS A 189 -5.32 -1.64 21.26
C LYS A 189 -5.74 -3.08 21.07
N GLN A 190 -5.67 -3.60 19.83
CA GLN A 190 -6.07 -4.95 19.43
C GLN A 190 -7.56 -5.25 19.68
N SER A 191 -8.41 -4.21 19.56
CA SER A 191 -9.87 -4.35 19.63
C SER A 191 -10.28 -4.99 18.31
N ALA A 192 -11.51 -5.45 18.21
CA ALA A 192 -12.03 -6.04 16.99
C ALA A 192 -12.13 -4.93 15.94
N TYR A 193 -11.47 -5.09 14.77
CA TYR A 193 -11.47 -4.05 13.72
C TYR A 193 -11.76 -4.58 12.32
N ASP A 194 -12.12 -3.68 11.39
CA ASP A 194 -12.42 -4.07 10.01
C ASP A 194 -11.77 -3.10 8.99
N PHE A 195 -12.40 -2.91 7.82
N PHE A 195 -12.40 -2.94 7.82
CA PHE A 195 -11.98 -2.03 6.73
CA PHE A 195 -11.97 -2.07 6.73
C PHE A 195 -11.71 -0.61 7.20
C PHE A 195 -11.75 -0.60 7.16
N LYS A 196 -12.39 -0.17 8.27
CA LYS A 196 -12.25 1.18 8.84
C LYS A 196 -10.83 1.52 9.28
N ALA A 197 -10.00 0.49 9.58
CA ALA A 197 -8.58 0.66 9.93
C ALA A 197 -7.83 1.26 8.71
N ASP A 198 -8.13 0.81 7.46
CA ASP A 198 -7.50 1.37 6.25
C ASP A 198 -7.89 2.85 6.03
N ILE A 199 -9.14 3.23 6.39
CA ILE A 199 -9.65 4.59 6.26
C ILE A 199 -8.81 5.54 7.13
N TRP A 200 -8.56 5.13 8.39
CA TRP A 200 -7.72 5.90 9.30
C TRP A 200 -6.33 6.04 8.65
N SER A 201 -5.71 4.91 8.22
CA SER A 201 -4.38 4.92 7.59
C SER A 201 -4.34 5.80 6.31
N LEU A 202 -5.44 5.87 5.57
CA LEU A 202 -5.57 6.75 4.40
C LEU A 202 -5.51 8.25 4.84
N GLY A 203 -6.16 8.59 5.97
CA GLY A 203 -6.10 9.93 6.54
C GLY A 203 -4.67 10.31 6.92
N ILE A 204 -3.89 9.35 7.46
CA ILE A 204 -2.48 9.61 7.82
C ILE A 204 -1.67 9.84 6.52
N THR A 205 -1.94 9.02 5.50
CA THR A 205 -1.31 9.10 4.15
C THR A 205 -1.63 10.43 3.50
N ALA A 206 -2.87 10.95 3.66
CA ALA A 206 -3.29 12.24 3.10
C ALA A 206 -2.41 13.37 3.70
N ILE A 207 -2.14 13.31 5.04
CA ILE A 207 -1.24 14.29 5.72
C ILE A 207 0.18 14.12 5.20
N GLU A 208 0.64 12.85 5.08
CA GLU A 208 1.96 12.50 4.57
C GLU A 208 2.16 13.06 3.15
N LEU A 209 1.13 12.97 2.27
CA LEU A 209 1.21 13.57 0.93
C LEU A 209 1.34 15.09 0.97
N ALA A 210 0.68 15.75 1.95
CA ALA A 210 0.72 17.21 2.11
C ALA A 210 2.01 17.74 2.79
N LYS A 211 2.57 16.98 3.75
CA LYS A 211 3.75 17.37 4.55
C LYS A 211 5.06 16.65 4.21
N GLY A 212 4.99 15.52 3.50
CA GLY A 212 6.17 14.72 3.16
C GLY A 212 6.46 13.66 4.21
N GLU A 213 5.83 13.78 5.38
CA GLU A 213 6.02 12.89 6.51
C GLU A 213 4.73 12.75 7.32
N PRO A 214 4.47 11.58 7.94
CA PRO A 214 3.23 11.44 8.73
C PRO A 214 3.20 12.36 9.96
N PRO A 215 2.02 12.63 10.55
CA PRO A 215 1.99 13.44 11.77
C PRO A 215 2.81 12.79 12.91
N ASN A 216 3.35 13.63 13.79
CA ASN A 216 4.19 13.21 14.92
C ASN A 216 5.47 12.44 14.54
N SER A 217 6.06 12.79 13.38
CA SER A 217 7.31 12.19 12.88
C SER A 217 8.52 12.57 13.75
N ASP A 218 8.40 13.68 14.51
CA ASP A 218 9.42 14.17 15.45
C ASP A 218 9.50 13.25 16.70
N LEU A 219 8.53 12.34 16.87
CA LEU A 219 8.48 11.43 18.01
C LEU A 219 8.98 10.01 17.67
N HIS A 220 9.47 9.28 18.68
CA HIS A 220 9.91 7.89 18.56
C HIS A 220 8.72 6.99 18.21
N PRO A 221 8.86 6.06 17.23
CA PRO A 221 7.74 5.16 16.90
C PRO A 221 7.04 4.48 18.09
N MET A 222 7.79 4.16 19.17
CA MET A 222 7.19 3.51 20.35
C MET A 222 6.39 4.48 21.19
N ARG A 223 6.79 5.77 21.21
CA ARG A 223 6.04 6.79 21.93
C ARG A 223 4.69 7.03 21.20
N VAL A 224 4.75 7.11 19.85
CA VAL A 224 3.58 7.32 18.97
C VAL A 224 2.55 6.20 19.15
N LEU A 225 2.99 4.91 19.22
CA LEU A 225 2.12 3.77 19.47
C LEU A 225 1.33 3.92 20.78
N PHE A 226 2.00 4.41 21.84
CA PHE A 226 1.39 4.61 23.15
C PHE A 226 0.39 5.80 23.14
N LEU A 227 0.69 6.85 22.37
CA LEU A 227 -0.12 8.07 22.31
C LEU A 227 -1.33 8.05 21.36
N ILE A 228 -1.27 7.33 20.22
CA ILE A 228 -2.37 7.25 19.23
C ILE A 228 -3.74 6.93 19.85
N PRO A 229 -3.88 5.88 20.71
CA PRO A 229 -5.20 5.61 21.30
C PRO A 229 -5.59 6.57 22.41
N LYS A 230 -4.63 7.32 22.97
CA LYS A 230 -4.86 8.21 24.11
C LYS A 230 -5.12 9.67 23.76
N ASN A 231 -4.41 10.20 22.75
CA ASN A 231 -4.51 11.60 22.34
C ASN A 231 -5.56 11.83 21.30
N SER A 232 -5.94 13.12 21.12
CA SER A 232 -6.88 13.53 20.09
C SER A 232 -6.30 13.11 18.72
N PRO A 233 -7.13 12.81 17.71
CA PRO A 233 -6.55 12.41 16.40
C PRO A 233 -5.74 13.55 15.75
N PRO A 234 -4.74 13.22 14.89
CA PRO A 234 -4.01 14.30 14.19
C PRO A 234 -4.93 15.13 13.30
N THR A 235 -4.49 16.33 12.93
CA THR A 235 -5.24 17.23 12.05
C THR A 235 -4.28 17.74 10.95
N LEU A 236 -4.83 18.15 9.80
CA LEU A 236 -4.04 18.74 8.74
C LEU A 236 -3.87 20.24 9.09
N GLU A 237 -2.65 20.64 9.48
CA GLU A 237 -2.31 22.02 9.88
C GLU A 237 -1.60 22.80 8.77
N GLY A 238 -1.63 24.12 8.84
CA GLY A 238 -0.92 25.00 7.91
C GLY A 238 -1.70 25.51 6.71
N GLN A 239 -0.97 25.83 5.63
CA GLN A 239 -1.54 26.35 4.40
C GLN A 239 -2.04 25.26 3.47
N HIS A 240 -3.29 24.81 3.69
CA HIS A 240 -3.99 23.79 2.90
C HIS A 240 -5.46 24.17 2.83
N SER A 241 -6.15 23.81 1.74
CA SER A 241 -7.56 24.17 1.56
C SER A 241 -8.51 23.53 2.60
N LYS A 242 -9.63 24.23 2.89
CA LYS A 242 -10.67 23.77 3.82
C LYS A 242 -11.22 22.39 3.40
N PRO A 243 -11.57 22.11 2.11
CA PRO A 243 -12.03 20.74 1.76
C PRO A 243 -10.96 19.65 2.00
N PHE A 244 -9.66 20.00 1.90
CA PHE A 244 -8.57 19.05 2.15
C PHE A 244 -8.49 18.74 3.65
N LYS A 245 -8.56 19.79 4.48
CA LYS A 245 -8.57 19.66 5.94
C LYS A 245 -9.80 18.85 6.43
N GLU A 246 -10.95 19.01 5.74
CA GLU A 246 -12.19 18.29 6.02
C GLU A 246 -12.10 16.80 5.67
N PHE A 247 -11.45 16.47 4.53
CA PHE A 247 -11.24 15.10 4.06
C PHE A 247 -10.43 14.34 5.12
N VAL A 248 -9.35 14.96 5.60
CA VAL A 248 -8.46 14.40 6.63
C VAL A 248 -9.23 14.16 7.94
N GLU A 249 -10.01 15.15 8.38
CA GLU A 249 -10.82 15.08 9.58
C GLU A 249 -11.84 13.93 9.50
N ALA A 250 -12.45 13.73 8.31
CA ALA A 250 -13.41 12.65 8.08
C ALA A 250 -12.76 11.29 8.29
N CYS A 251 -11.53 11.12 7.80
CA CYS A 251 -10.76 9.87 7.91
C CYS A 251 -10.30 9.59 9.31
N LEU A 252 -9.83 10.64 10.02
CA LEU A 252 -9.23 10.56 11.35
C LEU A 252 -10.18 10.71 12.51
N ASN A 253 -11.24 9.93 12.50
CA ASN A 253 -12.19 9.93 13.60
C ASN A 253 -11.77 8.75 14.47
N LYS A 254 -11.66 8.95 15.79
CA LYS A 254 -11.28 7.87 16.71
C LYS A 254 -12.31 6.76 16.82
N ASP A 255 -13.61 7.08 16.62
CA ASP A 255 -14.69 6.09 16.61
C ASP A 255 -14.79 5.60 15.15
N PRO A 256 -14.45 4.31 14.87
N PRO A 256 -14.44 4.32 14.86
CA PRO A 256 -14.50 3.82 13.48
CA PRO A 256 -14.49 3.82 13.48
C PRO A 256 -15.88 3.89 12.81
C PRO A 256 -15.86 3.85 12.81
N ARG A 257 -16.96 3.80 13.61
CA ARG A 257 -18.35 3.86 13.10
C ARG A 257 -18.62 5.11 12.28
N PHE A 258 -17.92 6.24 12.60
CA PHE A 258 -18.04 7.54 11.95
C PHE A 258 -17.10 7.76 10.77
N ARG A 259 -16.12 6.88 10.57
CA ARG A 259 -15.22 7.03 9.42
C ARG A 259 -16.01 6.59 8.18
N PRO A 260 -15.94 7.32 7.07
CA PRO A 260 -16.71 6.90 5.88
C PRO A 260 -16.04 5.74 5.16
N THR A 261 -16.80 5.08 4.29
CA THR A 261 -16.32 4.01 3.42
C THR A 261 -15.55 4.65 2.26
N ALA A 262 -14.76 3.85 1.54
CA ALA A 262 -13.99 4.30 0.39
C ALA A 262 -14.94 4.88 -0.66
N LYS A 263 -16.07 4.18 -0.91
CA LYS A 263 -17.14 4.58 -1.82
C LYS A 263 -17.69 5.98 -1.48
N GLU A 264 -17.92 6.27 -0.17
CA GLU A 264 -18.41 7.57 0.31
C GLU A 264 -17.33 8.64 0.05
N LEU A 265 -16.05 8.35 0.40
CA LEU A 265 -14.94 9.27 0.20
C LEU A 265 -14.69 9.66 -1.27
N LEU A 266 -15.04 8.77 -2.20
CA LEU A 266 -14.96 9.07 -3.64
C LEU A 266 -15.97 10.17 -4.03
N LYS A 267 -16.95 10.44 -3.16
CA LYS A 267 -17.98 11.48 -3.35
C LYS A 267 -17.62 12.77 -2.55
N HIS A 268 -16.51 12.77 -1.78
CA HIS A 268 -16.09 13.94 -0.97
C HIS A 268 -15.76 15.11 -1.87
N LYS A 269 -16.08 16.35 -1.41
CA LYS A 269 -15.82 17.60 -2.12
C LYS A 269 -14.36 17.74 -2.55
N PHE A 270 -13.41 17.38 -1.67
CA PHE A 270 -11.97 17.44 -1.98
C PHE A 270 -11.61 16.57 -3.19
N ILE A 271 -12.18 15.37 -3.25
CA ILE A 271 -11.96 14.44 -4.36
C ILE A 271 -12.64 14.90 -5.66
N THR A 272 -13.91 15.41 -5.56
CA THR A 272 -14.67 15.84 -6.73
C THR A 272 -14.27 17.21 -7.29
N ARG A 273 -13.67 18.12 -6.46
CA ARG A 273 -13.22 19.47 -6.86
C ARG A 273 -12.30 19.47 -8.10
N TYR A 274 -11.32 18.55 -8.11
CA TYR A 274 -10.38 18.39 -9.22
C TYR A 274 -10.82 17.23 -10.08
N THR A 275 -10.73 17.37 -11.40
CA THR A 275 -11.16 16.33 -12.34
C THR A 275 -9.99 15.95 -13.24
N LYS A 276 -8.79 15.86 -12.68
CA LYS A 276 -7.61 15.53 -13.47
C LYS A 276 -7.62 14.08 -13.86
N LYS A 277 -7.11 13.79 -15.06
CA LYS A 277 -6.97 12.42 -15.52
C LYS A 277 -5.69 11.88 -14.87
N THR A 278 -5.54 10.55 -14.71
CA THR A 278 -4.35 9.96 -14.08
C THR A 278 -3.07 10.29 -14.85
N SER A 279 -3.18 10.56 -16.15
CA SER A 279 -2.04 10.93 -17.01
C SER A 279 -1.38 12.23 -16.51
N PHE A 280 -2.13 13.06 -15.75
CA PHE A 280 -1.67 14.31 -15.13
C PHE A 280 -0.50 14.03 -14.16
N LEU A 281 -0.49 12.85 -13.53
CA LEU A 281 0.54 12.42 -12.58
C LEU A 281 1.90 12.12 -13.21
N THR A 282 1.96 11.96 -14.55
CA THR A 282 3.23 11.73 -15.27
C THR A 282 4.18 12.93 -15.13
N GLU A 283 3.64 14.14 -14.82
CA GLU A 283 4.46 15.31 -14.53
C GLU A 283 5.30 15.07 -13.24
N LEU A 284 4.75 14.34 -12.22
CA LEU A 284 5.47 14.00 -10.98
C LEU A 284 6.52 12.96 -11.25
N ILE A 285 6.24 12.03 -12.19
CA ILE A 285 7.17 10.99 -12.59
C ILE A 285 8.35 11.67 -13.28
N ASP A 286 8.07 12.62 -14.23
CA ASP A 286 9.09 13.37 -14.96
C ASP A 286 9.96 14.18 -14.01
N ARG A 287 9.33 14.84 -13.01
CA ARG A 287 10.01 15.63 -11.98
C ARG A 287 10.97 14.75 -11.18
N TYR A 288 10.55 13.50 -10.78
CA TYR A 288 11.41 12.57 -10.06
C TYR A 288 12.59 12.08 -10.94
N LYS A 289 12.33 11.77 -12.24
CA LYS A 289 13.37 11.35 -13.20
C LYS A 289 14.40 12.43 -13.40
N ARG A 290 13.97 13.70 -13.47
CA ARG A 290 14.91 14.82 -13.64
C ARG A 290 15.76 15.03 -12.40
N TRP A 291 15.15 14.84 -11.21
CA TRP A 291 15.76 14.97 -9.91
C TRP A 291 16.81 13.86 -9.67
N LYS A 292 16.48 12.57 -9.99
CA LYS A 292 17.41 11.44 -9.82
C LYS A 292 18.61 11.52 -10.79
N SER A 293 18.36 11.90 -12.06
CA SER A 293 19.38 12.05 -13.12
C SER A 293 20.42 13.12 -12.78
#